data_4J45
#
_entry.id   4J45
#
_cell.length_a   74.504
_cell.length_b   74.504
_cell.length_c   108.799
_cell.angle_alpha   90.00
_cell.angle_beta   90.00
_cell.angle_gamma   90.00
#
_symmetry.space_group_name_H-M   'I 4 2 2'
#
loop_
_entity.id
_entity.type
_entity.pdbx_description
1 polymer 'E3 ubiquitin-protein ligase XIAP'
2 polymer 'PEPTIDE (ALA-THR-ALA-ALA)'
3 non-polymer 'ZINC ION'
4 water water
#
loop_
_entity_poly.entity_id
_entity_poly.type
_entity_poly.pdbx_seq_one_letter_code
_entity_poly.pdbx_strand_id
1 'polypeptide(L)'
;GTIYPRNPAMYSEEARLKSFQNWPDYAHLTPRELASAGLYYTGIGDQVQCFACGGKLKNWEPGDRAWSEHRRHFPNCFFV
LGRNLN
;
A,C
2 'polypeptide(L)' ATAA B
#
loop_
_chem_comp.id
_chem_comp.type
_chem_comp.name
_chem_comp.formula
ZN non-polymer 'ZINC ION' 'Zn 2'
#
# COMPACT_ATOMS: atom_id res chain seq x y z
N GLY A 1 -9.77 2.61 -10.69
CA GLY A 1 -9.36 3.61 -9.66
C GLY A 1 -7.86 3.84 -9.60
N THR A 2 -7.47 4.59 -8.59
CA THR A 2 -6.09 5.05 -8.47
C THR A 2 -5.17 4.09 -7.68
N ILE A 3 -5.73 3.11 -6.99
CA ILE A 3 -4.98 1.99 -6.37
C ILE A 3 -5.51 0.69 -6.98
N TYR A 4 -4.73 -0.37 -6.89
CA TYR A 4 -5.11 -1.64 -7.43
C TYR A 4 -4.42 -2.75 -6.63
N PRO A 5 -5.17 -3.73 -6.12
CA PRO A 5 -4.56 -4.80 -5.35
C PRO A 5 -3.67 -5.68 -6.21
N ARG A 6 -2.55 -6.11 -5.65
CA ARG A 6 -1.71 -7.06 -6.33
C ARG A 6 -2.41 -8.38 -6.64
N ASN A 7 -3.35 -8.80 -5.81
CA ASN A 7 -4.15 -10.05 -5.97
C ASN A 7 -5.64 -9.87 -5.71
N PRO A 8 -6.43 -9.46 -6.76
CA PRO A 8 -7.84 -9.15 -6.57
C PRO A 8 -8.70 -10.29 -6.05
N ALA A 9 -8.30 -11.48 -6.39
CA ALA A 9 -8.99 -12.70 -6.02
C ALA A 9 -8.89 -12.91 -4.52
N MET A 10 -7.87 -12.32 -3.88
CA MET A 10 -7.73 -12.39 -2.43
C MET A 10 -8.16 -11.17 -1.74
N TYR A 11 -8.90 -10.37 -2.52
CA TYR A 11 -9.53 -9.21 -2.00
C TYR A 11 -10.39 -9.51 -0.78
N SER A 12 -11.09 -10.65 -0.83
CA SER A 12 -11.97 -11.17 0.18
C SER A 12 -11.23 -11.82 1.38
N GLU A 13 -11.59 -11.40 2.59
CA GLU A 13 -11.05 -12.06 3.81
C GLU A 13 -11.38 -13.55 3.87
N GLU A 14 -12.57 -13.97 3.45
CA GLU A 14 -12.90 -15.38 3.45
C GLU A 14 -12.03 -16.14 2.48
N ALA A 15 -11.70 -15.54 1.34
CA ALA A 15 -10.84 -16.20 0.35
C ALA A 15 -9.46 -16.33 0.97
N ARG A 16 -9.04 -15.30 1.71
CA ARG A 16 -7.71 -15.37 2.35
C ARG A 16 -7.71 -16.43 3.41
N LEU A 17 -8.74 -16.54 4.22
CA LEU A 17 -8.81 -17.51 5.26
C LEU A 17 -8.73 -18.93 4.69
N LYS A 18 -9.43 -19.21 3.60
CA LYS A 18 -9.36 -20.53 2.98
C LYS A 18 -7.95 -20.96 2.51
N SER A 19 -7.13 -19.97 2.18
CA SER A 19 -5.78 -20.27 1.67
C SER A 19 -4.94 -20.96 2.71
N PHE A 20 -5.35 -20.91 3.98
CA PHE A 20 -4.57 -21.53 5.07
C PHE A 20 -4.91 -23.01 5.37
N GLN A 21 -5.68 -23.65 4.48
CA GLN A 21 -5.98 -25.07 4.64
C GLN A 21 -4.76 -25.93 5.02
N ASN A 22 -3.65 -25.69 4.35
CA ASN A 22 -2.43 -26.52 4.56
C ASN A 22 -1.30 -25.69 5.22
N TRP A 23 -1.66 -24.64 5.95
CA TRP A 23 -0.71 -23.89 6.77
C TRP A 23 0.01 -24.90 7.69
N PRO A 24 1.35 -24.82 7.79
CA PRO A 24 2.05 -25.87 8.53
C PRO A 24 1.86 -25.82 9.99
N ASP A 25 2.03 -26.96 10.62
CA ASP A 25 1.74 -27.04 12.03
C ASP A 25 2.72 -26.34 12.93
N TYR A 26 3.92 -26.03 12.42
CA TYR A 26 4.90 -25.26 13.21
C TYR A 26 4.62 -23.75 13.16
N ALA A 27 3.73 -23.35 12.25
CA ALA A 27 3.54 -21.91 12.06
C ALA A 27 2.56 -21.38 13.12
N HIS A 28 3.04 -20.56 14.04
CA HIS A 28 2.25 -20.29 15.24
C HIS A 28 1.16 -19.25 15.08
N LEU A 29 1.29 -18.33 14.08
CA LEU A 29 0.23 -17.31 13.91
C LEU A 29 -0.98 -18.00 13.35
N THR A 30 -2.13 -17.53 13.78
CA THR A 30 -3.41 -18.10 13.27
C THR A 30 -3.80 -17.54 11.90
N PRO A 31 -4.41 -18.41 11.07
CA PRO A 31 -5.04 -17.93 9.88
C PRO A 31 -5.98 -16.74 10.10
N ARG A 32 -6.75 -16.77 11.19
CA ARG A 32 -7.64 -15.66 11.50
C ARG A 32 -6.90 -14.34 11.55
N GLU A 33 -5.82 -14.31 12.32
CA GLU A 33 -5.07 -13.09 12.50
C GLU A 33 -4.42 -12.63 11.17
N LEU A 34 -3.82 -13.59 10.44
CA LEU A 34 -3.11 -13.27 9.23
C LEU A 34 -4.06 -12.76 8.14
N ALA A 35 -5.17 -13.49 7.92
CA ALA A 35 -6.16 -13.04 6.93
C ALA A 35 -6.73 -11.65 7.25
N SER A 36 -6.91 -11.38 8.54
CA SER A 36 -7.46 -10.06 8.93
C SER A 36 -6.52 -8.91 8.61
N ALA A 37 -5.19 -9.19 8.66
CA ALA A 37 -4.19 -8.23 8.30
C ALA A 37 -3.90 -8.21 6.80
N GLY A 38 -4.76 -8.81 5.95
CA GLY A 38 -4.58 -8.77 4.53
C GLY A 38 -3.77 -9.87 3.86
N LEU A 39 -3.34 -10.82 4.69
CA LEU A 39 -2.36 -11.81 4.24
C LEU A 39 -3.01 -13.13 3.93
N TYR A 40 -2.48 -13.81 2.91
CA TYR A 40 -2.91 -15.11 2.51
C TYR A 40 -1.67 -16.02 2.31
N TYR A 41 -1.91 -17.31 2.36
CA TYR A 41 -0.82 -18.29 2.33
C TYR A 41 -0.38 -18.52 0.90
N THR A 42 0.93 -18.43 0.68
CA THR A 42 1.50 -18.65 -0.68
C THR A 42 1.71 -20.15 -0.96
N GLY A 43 1.53 -21.02 0.02
CA GLY A 43 1.74 -22.46 -0.20
C GLY A 43 3.18 -22.92 0.03
N ILE A 44 4.08 -22.01 0.37
CA ILE A 44 5.53 -22.32 0.56
C ILE A 44 5.90 -21.97 1.98
N GLY A 45 6.37 -22.95 2.77
CA GLY A 45 6.88 -22.66 4.10
C GLY A 45 5.82 -21.97 4.97
N ASP A 46 6.26 -20.97 5.72
CA ASP A 46 5.32 -20.11 6.48
C ASP A 46 5.18 -18.74 5.79
N GLN A 47 5.35 -18.71 4.46
CA GLN A 47 5.38 -17.49 3.68
C GLN A 47 3.95 -17.07 3.32
N VAL A 48 3.61 -15.85 3.71
CA VAL A 48 2.29 -15.25 3.32
C VAL A 48 2.56 -14.03 2.48
N GLN A 49 1.47 -13.55 1.83
CA GLN A 49 1.55 -12.39 0.98
C GLN A 49 0.32 -11.52 1.16
N CYS A 50 0.51 -10.22 1.01
CA CYS A 50 -0.59 -9.25 1.11
C CYS A 50 -1.32 -9.11 -0.24
N PHE A 51 -2.67 -9.25 -0.22
CA PHE A 51 -3.44 -9.09 -1.42
C PHE A 51 -3.34 -7.69 -2.01
N ALA A 52 -3.08 -6.69 -1.17
CA ALA A 52 -3.10 -5.29 -1.55
C ALA A 52 -1.76 -4.86 -2.11
N CYS A 53 -0.70 -4.86 -1.26
CA CYS A 53 0.61 -4.33 -1.65
C CYS A 53 1.47 -5.40 -2.32
N GLY A 54 1.12 -6.67 -2.16
CA GLY A 54 1.91 -7.78 -2.67
C GLY A 54 3.17 -8.13 -1.85
N GLY A 55 3.42 -7.48 -0.73
CA GLY A 55 4.54 -7.81 0.12
C GLY A 55 4.40 -9.20 0.66
N LYS A 56 5.57 -9.86 0.89
CA LYS A 56 5.60 -11.21 1.42
C LYS A 56 6.37 -11.22 2.73
N LEU A 57 5.89 -12.08 3.65
CA LEU A 57 6.46 -12.23 4.96
C LEU A 57 6.63 -13.68 5.28
N LYS A 58 7.80 -14.03 5.86
CA LYS A 58 8.10 -15.43 6.24
C LYS A 58 9.02 -15.41 7.45
N ASN A 59 9.29 -16.62 7.93
CA ASN A 59 10.11 -16.86 9.12
C ASN A 59 9.63 -16.05 10.31
N TRP A 60 8.35 -16.27 10.62
CA TRP A 60 7.74 -15.60 11.74
C TRP A 60 8.38 -16.00 13.07
N GLU A 61 8.42 -15.07 14.01
CA GLU A 61 9.11 -15.26 15.30
C GLU A 61 8.16 -15.08 16.46
N PRO A 62 8.49 -15.64 17.64
CA PRO A 62 7.53 -15.53 18.75
C PRO A 62 7.35 -14.05 19.16
N GLY A 63 6.11 -13.66 19.43
CA GLY A 63 5.84 -12.30 19.76
C GLY A 63 5.51 -11.46 18.53
N ASP A 64 5.77 -11.97 17.32
CA ASP A 64 5.38 -11.28 16.06
C ASP A 64 3.86 -11.18 16.04
N ARG A 65 3.34 -10.04 15.61
CA ARG A 65 1.94 -9.89 15.30
C ARG A 65 1.81 -9.62 13.78
N ALA A 66 0.74 -10.09 13.19
CA ALA A 66 0.56 -9.92 11.76
C ALA A 66 0.49 -8.44 11.30
N TRP A 67 -0.33 -7.62 11.96
CA TRP A 67 -0.44 -6.24 11.56
C TRP A 67 0.85 -5.47 11.77
N SER A 68 1.52 -5.64 12.91
N SER A 68 1.50 -5.68 12.92
CA SER A 68 2.74 -4.86 13.14
CA SER A 68 2.75 -5.00 13.25
C SER A 68 3.87 -5.31 12.19
C SER A 68 3.84 -5.33 12.21
N GLU A 69 4.00 -6.61 11.89
CA GLU A 69 4.98 -7.00 10.86
C GLU A 69 4.64 -6.47 9.48
N HIS A 70 3.36 -6.48 9.14
CA HIS A 70 2.92 -5.94 7.86
C HIS A 70 3.25 -4.45 7.78
N ARG A 71 2.93 -3.70 8.82
CA ARG A 71 3.16 -2.24 8.81
C ARG A 71 4.64 -1.95 8.87
N ARG A 72 5.44 -2.77 9.59
CA ARG A 72 6.88 -2.49 9.72
C ARG A 72 7.57 -2.63 8.40
N HIS A 73 7.24 -3.69 7.68
CA HIS A 73 7.89 -3.94 6.40
C HIS A 73 7.34 -3.21 5.21
N PHE A 74 6.02 -3.01 5.24
CA PHE A 74 5.29 -2.44 4.10
C PHE A 74 4.39 -1.29 4.58
N PRO A 75 5.01 -0.22 5.04
CA PRO A 75 4.20 0.82 5.66
C PRO A 75 3.35 1.62 4.70
N ASN A 76 3.65 1.59 3.41
CA ASN A 76 2.91 2.35 2.43
C ASN A 76 1.82 1.53 1.73
N CYS A 77 1.53 0.37 2.25
CA CYS A 77 0.44 -0.45 1.75
C CYS A 77 -0.94 0.18 1.96
N PHE A 78 -1.77 0.21 0.91
CA PHE A 78 -3.11 0.85 1.10
C PHE A 78 -3.94 0.11 2.13
N PHE A 79 -3.71 -1.19 2.34
CA PHE A 79 -4.51 -1.89 3.33
C PHE A 79 -4.06 -1.46 4.75
N VAL A 80 -2.74 -1.38 4.94
CA VAL A 80 -2.17 -0.85 6.15
C VAL A 80 -2.68 0.55 6.47
N LEU A 81 -2.68 1.41 5.47
CA LEU A 81 -3.00 2.81 5.61
C LEU A 81 -4.51 3.10 5.62
N GLY A 82 -5.33 2.07 5.39
CA GLY A 82 -6.81 2.18 5.32
C GLY A 82 -7.42 1.62 6.58
N ARG A 83 -6.58 1.04 7.45
CA ARG A 83 -6.97 0.21 8.59
C ARG A 83 -7.76 1.03 9.60
N ALA B 1 9.23 -11.21 11.64
CA ALA B 1 9.27 -11.88 10.34
C ALA B 1 10.25 -11.09 9.46
N THR B 2 10.56 -11.74 8.34
CA THR B 2 11.40 -11.18 7.29
C THR B 2 10.62 -10.95 5.98
N ALA B 3 10.97 -9.86 5.28
CA ALA B 3 10.31 -9.56 3.99
C ALA B 3 10.94 -10.46 2.98
N ALA B 4 10.11 -11.19 2.26
CA ALA B 4 10.53 -12.34 1.47
C ALA B 4 10.48 -11.96 0.00
N ALA C 9 13.90 15.77 1.61
CA ALA C 9 14.25 15.75 0.14
C ALA C 9 13.02 16.05 -0.71
N MET C 10 11.99 15.23 -0.55
CA MET C 10 10.67 15.51 -1.12
C MET C 10 9.74 16.20 -0.12
N TYR C 11 10.29 16.70 1.00
CA TYR C 11 9.51 17.48 1.99
C TYR C 11 9.07 18.82 1.46
N SER C 12 9.94 19.39 0.63
CA SER C 12 9.67 20.65 -0.05
C SER C 12 8.67 20.47 -1.18
N GLU C 13 7.56 21.21 -1.13
CA GLU C 13 6.63 21.30 -2.25
C GLU C 13 7.34 21.69 -3.56
N GLU C 14 8.36 22.55 -3.49
CA GLU C 14 9.12 22.92 -4.68
C GLU C 14 9.92 21.73 -5.25
N ALA C 15 10.41 20.86 -4.38
CA ALA C 15 11.20 19.71 -4.84
C ALA C 15 10.28 18.64 -5.46
N ARG C 16 9.06 18.57 -4.94
CA ARG C 16 8.05 17.64 -5.50
C ARG C 16 7.69 18.11 -6.89
N LEU C 17 7.62 19.44 -7.08
CA LEU C 17 7.30 20.01 -8.41
C LEU C 17 8.36 19.66 -9.43
N LYS C 18 9.61 19.82 -9.04
CA LYS C 18 10.73 19.47 -9.88
C LYS C 18 10.73 18.03 -10.31
N SER C 19 10.14 17.12 -9.51
CA SER C 19 10.06 15.73 -9.93
C SER C 19 9.20 15.48 -11.17
N PHE C 20 8.33 16.45 -11.48
CA PHE C 20 7.41 16.33 -12.62
C PHE C 20 8.01 16.69 -13.99
N GLN C 21 9.34 16.66 -14.08
CA GLN C 21 9.97 16.67 -15.40
C GLN C 21 9.52 15.32 -15.98
N ASN C 22 9.18 15.32 -17.24
CA ASN C 22 8.79 14.10 -17.91
C ASN C 22 7.36 13.62 -17.56
N TRP C 23 6.59 14.37 -16.78
CA TRP C 23 5.15 14.08 -16.54
C TRP C 23 4.43 14.05 -17.90
N PRO C 24 3.65 13.00 -18.18
CA PRO C 24 3.17 12.87 -19.55
C PRO C 24 2.08 13.86 -19.84
N ASP C 25 2.00 14.29 -21.09
CA ASP C 25 1.05 15.34 -21.50
C ASP C 25 -0.38 14.90 -21.44
N TYR C 26 -0.63 13.60 -21.56
CA TYR C 26 -2.01 13.12 -21.50
C TYR C 26 -2.59 13.23 -20.09
N ALA C 27 -1.73 13.23 -19.09
CA ALA C 27 -2.19 13.02 -17.71
C ALA C 27 -3.25 14.00 -17.31
N HIS C 28 -4.21 13.49 -16.55
CA HIS C 28 -5.44 14.24 -16.28
C HIS C 28 -5.37 15.19 -15.04
N LEU C 29 -4.18 15.36 -14.42
CA LEU C 29 -3.91 16.40 -13.36
C LEU C 29 -2.56 17.01 -13.52
N THR C 30 -2.35 18.18 -12.94
CA THR C 30 -1.10 18.95 -13.10
C THR C 30 -0.08 18.67 -12.01
N PRO C 31 1.23 18.89 -12.31
CA PRO C 31 2.28 18.79 -11.33
C PRO C 31 2.04 19.63 -10.09
N ARG C 32 1.49 20.84 -10.22
CA ARG C 32 1.26 21.71 -9.07
C ARG C 32 0.14 21.21 -8.15
N GLU C 33 -0.97 20.78 -8.72
CA GLU C 33 -2.01 20.18 -7.88
C GLU C 33 -1.50 18.94 -7.09
N LEU C 34 -0.79 18.09 -7.80
CA LEU C 34 -0.28 16.86 -7.19
C LEU C 34 0.72 17.16 -6.10
N ALA C 35 1.66 18.06 -6.36
CA ALA C 35 2.73 18.35 -5.40
C ALA C 35 2.14 19.01 -4.18
N SER C 36 1.10 19.82 -4.39
CA SER C 36 0.40 20.47 -3.26
C SER C 36 -0.30 19.46 -2.33
N ALA C 37 -0.72 18.34 -2.90
CA ALA C 37 -1.34 17.27 -2.14
C ALA C 37 -0.32 16.24 -1.58
N GLY C 38 0.98 16.58 -1.67
CA GLY C 38 2.03 15.79 -1.05
C GLY C 38 2.65 14.80 -2.01
N LEU C 39 2.24 14.85 -3.28
CA LEU C 39 2.59 13.78 -4.21
C LEU C 39 3.71 14.20 -5.13
N TYR C 40 4.60 13.29 -5.47
CA TYR C 40 5.64 13.51 -6.42
C TYR C 40 5.71 12.40 -7.46
N TYR C 41 6.32 12.68 -8.60
CA TYR C 41 6.30 11.74 -9.70
C TYR C 41 7.33 10.63 -9.48
N THR C 42 6.96 9.38 -9.77
CA THR C 42 7.89 8.28 -9.56
C THR C 42 8.74 8.07 -10.79
N GLY C 43 8.31 8.66 -11.91
CA GLY C 43 9.05 8.60 -13.14
C GLY C 43 8.48 7.67 -14.17
N ILE C 44 7.44 6.92 -13.85
CA ILE C 44 6.75 6.05 -14.81
C ILE C 44 5.24 6.29 -14.92
N GLY C 45 4.72 6.22 -16.13
CA GLY C 45 3.30 6.38 -16.37
C GLY C 45 2.88 7.72 -15.84
N ASP C 46 1.73 7.69 -15.15
CA ASP C 46 1.22 8.83 -14.42
C ASP C 46 1.23 8.52 -12.90
N GLN C 47 2.18 7.68 -12.49
CA GLN C 47 2.22 7.24 -11.08
C GLN C 47 2.92 8.28 -10.20
N VAL C 48 2.33 8.56 -9.02
CA VAL C 48 2.86 9.46 -8.06
C VAL C 48 2.84 8.79 -6.69
N GLN C 49 3.63 9.35 -5.80
CA GLN C 49 3.83 8.82 -4.47
C GLN C 49 3.81 9.94 -3.44
N CYS C 50 3.28 9.66 -2.23
CA CYS C 50 3.25 10.64 -1.15
C CYS C 50 4.56 10.69 -0.38
N PHE C 51 5.07 11.89 -0.14
CA PHE C 51 6.29 12.08 0.64
C PHE C 51 6.18 11.71 2.08
N ALA C 52 4.94 11.68 2.59
CA ALA C 52 4.69 11.36 4.03
C ALA C 52 4.32 9.91 4.29
N CYS C 53 3.34 9.40 3.59
CA CYS C 53 2.96 8.01 3.74
C CYS C 53 3.54 6.97 2.77
N GLY C 54 4.13 7.44 1.67
CA GLY C 54 4.66 6.54 0.67
C GLY C 54 3.63 5.89 -0.24
N GLY C 55 2.36 6.16 -0.01
CA GLY C 55 1.32 5.61 -0.86
C GLY C 55 1.42 6.02 -2.33
N LYS C 56 1.18 5.08 -3.22
CA LYS C 56 1.28 5.30 -4.66
C LYS C 56 -0.11 5.35 -5.29
N LEU C 57 -0.26 6.28 -6.25
CA LEU C 57 -1.51 6.46 -6.98
C LEU C 57 -1.16 6.53 -8.47
N LYS C 58 -2.01 5.96 -9.32
CA LYS C 58 -1.80 6.01 -10.77
C LYS C 58 -3.11 5.85 -11.48
N ASN C 59 -3.09 5.94 -12.79
CA ASN C 59 -4.27 5.77 -13.63
C ASN C 59 -5.34 6.79 -13.26
N TRP C 60 -4.92 8.04 -13.17
CA TRP C 60 -5.83 9.15 -12.85
C TRP C 60 -6.86 9.31 -13.97
N GLU C 61 -8.10 9.61 -13.59
CA GLU C 61 -9.16 9.79 -14.59
C GLU C 61 -9.65 11.19 -14.62
N PRO C 62 -10.22 11.60 -15.76
CA PRO C 62 -10.73 12.98 -15.79
C PRO C 62 -11.67 13.30 -14.64
N GLY C 63 -11.48 14.45 -14.00
CA GLY C 63 -12.34 14.85 -12.88
C GLY C 63 -11.79 14.45 -11.52
N ASP C 64 -10.79 13.58 -11.49
CA ASP C 64 -10.18 13.23 -10.20
C ASP C 64 -9.50 14.44 -9.60
N ARG C 65 -9.49 14.54 -8.26
CA ARG C 65 -8.74 15.57 -7.54
C ARG C 65 -7.65 14.86 -6.71
N ALA C 66 -6.48 15.45 -6.68
CA ALA C 66 -5.31 14.85 -5.98
C ALA C 66 -5.65 14.58 -4.50
N TRP C 67 -6.16 15.58 -3.81
CA TRP C 67 -6.45 15.40 -2.40
C TRP C 67 -7.51 14.35 -2.14
N SER C 68 -8.58 14.37 -2.92
CA SER C 68 -9.64 13.40 -2.72
C SER C 68 -9.15 11.97 -2.85
N GLU C 69 -8.34 11.69 -3.86
CA GLU C 69 -7.82 10.33 -4.02
C GLU C 69 -6.83 9.99 -2.90
N HIS C 70 -5.96 10.92 -2.59
CA HIS C 70 -4.97 10.68 -1.50
C HIS C 70 -5.71 10.30 -0.21
N ARG C 71 -6.70 11.09 0.18
CA ARG C 71 -7.45 10.81 1.42
C ARG C 71 -8.31 9.55 1.31
N ARG C 72 -8.85 9.28 0.14
CA ARG C 72 -9.61 8.03 -0.06
C ARG C 72 -8.87 6.73 0.19
N HIS C 73 -7.69 6.69 -0.35
CA HIS C 73 -6.90 5.48 -0.32
C HIS C 73 -5.94 5.36 0.83
N PHE C 74 -5.49 6.46 1.37
CA PHE C 74 -4.49 6.45 2.45
C PHE C 74 -5.00 7.33 3.58
N PRO C 75 -6.13 6.94 4.21
CA PRO C 75 -6.67 7.80 5.23
C PRO C 75 -5.85 7.99 6.44
N ASN C 76 -5.00 7.02 6.78
CA ASN C 76 -4.15 7.12 7.98
C ASN C 76 -2.82 7.81 7.68
N CYS C 77 -2.58 8.31 6.48
CA CYS C 77 -1.44 9.17 6.21
C CYS C 77 -1.48 10.36 7.14
N PHE C 78 -0.33 10.66 7.77
CA PHE C 78 -0.28 11.81 8.68
C PHE C 78 -0.58 13.13 8.02
N PHE C 79 -0.12 13.29 6.77
CA PHE C 79 -0.32 14.50 6.00
C PHE C 79 -1.81 14.66 5.70
N VAL C 80 -2.47 13.58 5.30
CA VAL C 80 -3.95 13.58 5.08
C VAL C 80 -4.67 13.95 6.39
N LEU C 81 -4.26 13.36 7.49
CA LEU C 81 -4.95 13.54 8.79
C LEU C 81 -4.84 15.00 9.21
N GLY C 82 -3.71 15.65 8.93
CA GLY C 82 -3.56 17.09 9.23
C GLY C 82 -4.38 18.00 8.36
N ARG C 83 -4.36 17.73 7.06
CA ARG C 83 -5.18 18.45 6.06
C ARG C 83 -6.66 18.36 6.44
N ASN C 84 -7.11 17.24 6.97
CA ASN C 84 -8.52 17.13 7.35
C ASN C 84 -8.86 18.07 8.52
ZN ZN D . 0.10 -4.92 2.26
ZN ZN E . 0.17 10.34 2.16
#